data_8VDI
#
_entry.id   8VDI
#
_cell.length_a   42.996
_cell.length_b   60.583
_cell.length_c   44.297
_cell.angle_alpha   90.000
_cell.angle_beta   116.635
_cell.angle_gamma   90.000
#
_symmetry.space_group_name_H-M   'P 1 21 1'
#
loop_
_entity.id
_entity.type
_entity.pdbx_description
1 polymer "DNA (5'-D(*AP*AP*TP*AP*AP*GP*AP*GP*GP*AP*AP*GP*TP*GP*GP*G)-3')"
2 polymer "DNA (5'-D(*TP*CP*CP*CP*AP*CP*TP*TP*CP*CP*TP*CP*TP*TP*AP*T)-3')"
3 polymer 'Transcription factor PU.1'
4 non-polymer "4,4'-[pyridine-2,6-diylbis(methyleneoxy)]di(benzene-1-carboximidamide)"
5 water water
#
loop_
_entity_poly.entity_id
_entity_poly.type
_entity_poly.pdbx_seq_one_letter_code
_entity_poly.pdbx_strand_id
1 'polydeoxyribonucleotide' (DA)(DA)(DT)(DA)(DA)(DG)(DA)(DG)(DG)(DA)(DA)(DG)(DT)(DG)(DG)(DG) C
2 'polydeoxyribonucleotide' (DT)(DC)(DC)(DC)(DA)(DC)(DT)(DT)(DC)(DC)(DT)(DC)(DT)(DT)(DA)(DT) D
3 'polypeptide(L)'
;GSKKKIRLYQFLLDLLRSGDMKDSIWWVDKDKGTFQFSSKHKEALAHRWGIQKGNRKKMTYQKMARALRNYGKTGEVKKV
KKKLTYQFSGEVLGRGGLAERRHPPH
;
F
#
# COMPACT_ATOMS: atom_id res chain seq x y z
N LYS C 5 -3.31 11.65 -11.93
CA LYS C 5 -2.75 11.39 -10.61
C LYS C 5 -2.52 9.89 -10.40
N ILE C 6 -1.55 9.60 -9.54
CA ILE C 6 -1.07 8.24 -9.34
C ILE C 6 -2.16 7.38 -8.68
N ARG C 7 -2.12 6.07 -8.95
CA ARG C 7 -3.03 5.14 -8.31
C ARG C 7 -2.41 4.60 -7.03
N LEU C 8 -3.29 4.21 -6.09
CA LEU C 8 -2.84 3.83 -4.77
C LEU C 8 -1.86 2.65 -4.82
N TYR C 9 -2.10 1.66 -5.67
CA TYR C 9 -1.18 0.54 -5.69
C TYR C 9 0.19 0.95 -6.24
N GLN C 10 0.22 1.91 -7.16
CA GLN C 10 1.51 2.36 -7.69
C GLN C 10 2.26 3.20 -6.66
N PHE C 11 1.53 4.01 -5.90
CA PHE C 11 2.11 4.72 -4.75
C PHE C 11 2.80 3.76 -3.81
N LEU C 12 2.13 2.66 -3.47
CA LEU C 12 2.71 1.69 -2.55
C LEU C 12 3.92 0.98 -3.15
N LEU C 13 3.79 0.54 -4.40
CA LEU C 13 4.88 -0.15 -5.06
C LEU C 13 6.10 0.75 -5.20
N ASP C 14 5.88 2.03 -5.53
CA ASP C 14 6.97 2.98 -5.62
C ASP C 14 7.68 3.15 -4.28
N LEU C 15 6.91 3.30 -3.21
CA LEU C 15 7.51 3.35 -1.88
C LEU C 15 8.37 2.13 -1.63
N LEU C 16 7.84 0.95 -1.91
CA LEU C 16 8.59 -0.27 -1.63
C LEU C 16 9.88 -0.30 -2.45
N ARG C 17 9.82 0.14 -3.70
CA ARG C 17 11.03 0.13 -4.51
C ARG C 17 12.04 1.15 -4.01
N SER C 18 11.57 2.34 -3.59
CA SER C 18 12.47 3.41 -3.20
C SER C 18 13.02 3.25 -1.79
N GLY C 19 12.30 2.60 -0.90
CA GLY C 19 12.71 2.50 0.49
C GLY C 19 12.51 3.74 1.32
N ASP C 20 11.76 4.74 0.84
CA ASP C 20 11.67 6.03 1.55
C ASP C 20 10.91 5.93 2.86
N MET C 21 10.08 4.90 3.07
CA MET C 21 9.36 4.75 4.34
C MET C 21 9.53 3.33 4.88
N LYS C 22 10.79 2.87 4.94
CA LYS C 22 11.08 1.49 5.31
C LYS C 22 10.52 1.11 6.67
N ASP C 23 10.28 2.07 7.54
CA ASP C 23 9.74 1.80 8.86
C ASP C 23 8.22 1.67 8.86
N SER C 24 7.56 2.01 7.74
CA SER C 24 6.10 1.91 7.62
C SER C 24 5.62 0.77 6.76
N ILE C 25 6.42 0.33 5.79
CA ILE C 25 6.00 -0.73 4.88
C ILE C 25 7.24 -1.49 4.43
N TRP C 26 7.09 -2.79 4.19
CA TRP C 26 8.22 -3.61 3.76
C TRP C 26 7.74 -4.83 2.99
N TRP C 27 8.62 -5.36 2.14
CA TRP C 27 8.34 -6.62 1.50
C TRP C 27 8.39 -7.74 2.53
N VAL C 28 7.52 -8.73 2.36
CA VAL C 28 7.58 -9.97 3.13
C VAL C 28 8.28 -11.00 2.25
N ASP C 29 7.69 -11.26 1.09
CA ASP C 29 8.30 -12.07 0.05
C ASP C 29 8.23 -11.30 -1.26
N LYS C 30 9.30 -10.58 -1.63
CA LYS C 30 9.19 -9.68 -2.78
C LYS C 30 9.00 -10.44 -4.10
N ASP C 31 9.55 -11.66 -4.22
CA ASP C 31 9.31 -12.45 -5.43
C ASP C 31 7.83 -12.77 -5.61
N LYS C 32 7.11 -12.96 -4.51
CA LYS C 32 5.68 -13.22 -4.54
C LYS C 32 4.85 -11.93 -4.54
N GLY C 33 5.47 -10.78 -4.31
CA GLY C 33 4.74 -9.53 -4.23
C GLY C 33 4.01 -9.28 -2.92
N THR C 34 4.38 -9.98 -1.85
CA THR C 34 3.70 -9.81 -0.57
C THR C 34 4.43 -8.74 0.24
N PHE C 35 3.65 -7.89 0.90
CA PHE C 35 4.17 -6.74 1.63
C PHE C 35 3.29 -6.46 2.85
N GLN C 36 3.85 -5.76 3.82
CA GLN C 36 3.24 -5.63 5.13
C GLN C 36 3.44 -4.23 5.64
N PHE C 37 2.38 -3.64 6.23
CA PHE C 37 2.45 -2.37 6.91
C PHE C 37 2.88 -2.49 8.37
N SER C 38 3.59 -1.47 8.85
CA SER C 38 3.90 -1.35 10.26
C SER C 38 2.64 -1.11 11.07
N SER C 39 2.46 -1.88 12.14
CA SER C 39 1.36 -1.60 13.06
C SER C 39 1.45 -0.18 13.61
N LYS C 40 2.64 0.24 14.04
CA LYS C 40 2.77 1.53 14.71
C LYS C 40 3.08 2.69 13.79
N HIS C 41 3.53 2.44 12.56
CA HIS C 41 3.99 3.55 11.74
C HIS C 41 3.24 3.64 10.40
N LYS C 42 2.15 2.89 10.23
CA LYS C 42 1.41 2.94 8.97
C LYS C 42 0.67 4.28 8.81
N GLU C 43 0.26 4.91 9.91
CA GLU C 43 -0.51 6.15 9.72
C GLU C 43 0.33 7.20 9.03
N ALA C 44 1.63 7.21 9.29
CA ALA C 44 2.48 8.22 8.64
C ALA C 44 2.46 8.03 7.13
N LEU C 45 2.42 6.78 6.70
CA LEU C 45 2.32 6.49 5.27
C LEU C 45 0.94 6.89 4.73
N ALA C 46 -0.14 6.55 5.45
CA ALA C 46 -1.46 6.98 5.04
C ALA C 46 -1.52 8.51 4.89
N HIS C 47 -0.96 9.24 5.86
CA HIS C 47 -0.92 10.69 5.77
C HIS C 47 -0.26 11.14 4.49
N ARG C 48 0.86 10.52 4.14
CA ARG C 48 1.55 10.88 2.90
CA ARG C 48 1.55 10.88 2.90
C ARG C 48 0.68 10.61 1.69
N TRP C 49 -0.04 9.49 1.68
CA TRP C 49 -0.96 9.22 0.57
C TRP C 49 -1.98 10.35 0.39
N GLY C 50 -2.63 10.79 1.47
CA GLY C 50 -3.64 11.84 1.33
C GLY C 50 -3.05 13.13 0.79
N ILE C 51 -1.89 13.50 1.32
CA ILE C 51 -1.23 14.72 0.88
C ILE C 51 -0.81 14.60 -0.58
N GLN C 52 -0.26 13.45 -0.97
CA GLN C 52 0.08 13.28 -2.38
C GLN C 52 -1.14 13.48 -3.26
N LYS C 53 -2.31 13.03 -2.81
CA LYS C 53 -3.54 13.13 -3.59
C LYS C 53 -4.19 14.49 -3.51
N GLY C 54 -3.84 15.30 -2.52
CA GLY C 54 -4.50 16.58 -2.35
C GLY C 54 -5.93 16.44 -1.85
N ASN C 55 -6.23 15.38 -1.10
CA ASN C 55 -7.59 15.18 -0.60
C ASN C 55 -7.96 16.28 0.39
N ARG C 56 -9.27 16.43 0.61
CA ARG C 56 -9.76 17.50 1.48
C ARG C 56 -9.45 17.21 2.93
N LYS C 57 -9.68 15.98 3.37
CA LYS C 57 -9.49 15.59 4.76
C LYS C 57 -8.18 14.81 4.92
N LYS C 58 -7.71 14.73 6.16
CA LYS C 58 -6.55 13.92 6.48
C LYS C 58 -6.82 12.46 6.16
N MET C 59 -5.89 11.82 5.48
CA MET C 59 -6.02 10.41 5.17
C MET C 59 -5.63 9.57 6.39
N THR C 60 -6.37 8.49 6.62
CA THR C 60 -6.07 7.55 7.69
C THR C 60 -5.77 6.19 7.08
N TYR C 61 -5.11 5.32 7.86
CA TYR C 61 -4.85 3.99 7.34
C TYR C 61 -6.16 3.28 7.05
N GLN C 62 -7.16 3.50 7.89
CA GLN C 62 -8.44 2.84 7.71
C GLN C 62 -9.06 3.17 6.36
N LYS C 63 -9.02 4.44 5.97
CA LYS C 63 -9.60 4.83 4.67
C LYS C 63 -8.73 4.35 3.53
N MET C 64 -7.41 4.33 3.73
CA MET C 64 -6.53 3.82 2.68
C MET C 64 -6.81 2.33 2.42
N ALA C 65 -7.00 1.57 3.50
CA ALA C 65 -7.31 0.14 3.38
C ALA C 65 -8.72 -0.10 2.87
N ARG C 66 -9.66 0.79 3.19
CA ARG C 66 -10.95 0.72 2.51
C ARG C 66 -10.74 0.69 1.01
N ALA C 67 -9.90 1.59 0.51
CA ALA C 67 -9.65 1.63 -0.93
C ALA C 67 -8.92 0.38 -1.39
N LEU C 68 -7.94 -0.09 -0.62
CA LEU C 68 -7.22 -1.30 -1.01
C LEU C 68 -8.17 -2.46 -1.19
N ARG C 69 -9.19 -2.56 -0.33
CA ARG C 69 -10.08 -3.70 -0.46
C ARG C 69 -10.78 -3.69 -1.80
N ASN C 70 -10.97 -2.52 -2.40
CA ASN C 70 -11.66 -2.47 -3.68
C ASN C 70 -10.86 -3.11 -4.81
N TYR C 71 -9.55 -3.26 -4.65
CA TYR C 71 -8.75 -3.97 -5.63
C TYR C 71 -8.94 -5.47 -5.57
N GLY C 72 -9.63 -5.98 -4.55
CA GLY C 72 -9.76 -7.42 -4.43
C GLY C 72 -10.36 -8.05 -5.68
N LYS C 73 -11.46 -7.45 -6.17
CA LYS C 73 -12.17 -8.05 -7.29
C LYS C 73 -11.34 -7.95 -8.57
N THR C 74 -10.73 -6.79 -8.82
CA THR C 74 -10.01 -6.59 -10.06
C THR C 74 -8.60 -7.18 -10.02
N GLY C 75 -8.01 -7.35 -8.84
CA GLY C 75 -6.86 -8.23 -8.66
C GLY C 75 -5.54 -7.54 -8.40
N GLU C 76 -5.46 -6.21 -8.49
CA GLU C 76 -4.17 -5.52 -8.39
C GLU C 76 -3.52 -5.81 -7.04
N VAL C 77 -4.32 -5.84 -5.99
CA VAL C 77 -3.89 -6.07 -4.61
C VAL C 77 -4.93 -6.93 -3.92
N LYS C 78 -4.47 -7.97 -3.22
CA LYS C 78 -5.33 -8.82 -2.43
C LYS C 78 -4.82 -8.91 -1.01
N LYS C 79 -5.76 -9.06 -0.09
CA LYS C 79 -5.43 -9.25 1.31
C LYS C 79 -4.90 -10.66 1.50
N VAL C 80 -3.83 -10.76 2.26
CA VAL C 80 -3.22 -12.03 2.66
C VAL C 80 -3.63 -12.29 4.10
N LYS C 81 -3.76 -13.57 4.47
CA LYS C 81 -4.26 -13.92 5.80
C LYS C 81 -3.11 -13.92 6.80
N LYS C 82 -2.55 -12.73 6.96
CA LYS C 82 -1.43 -12.44 7.84
C LYS C 82 -1.58 -10.98 8.22
N LYS C 83 -1.20 -10.62 9.44
CA LYS C 83 -1.50 -9.27 9.94
C LYS C 83 -0.99 -8.19 8.99
N LEU C 84 -1.88 -7.29 8.58
CA LEU C 84 -1.51 -6.10 7.82
C LEU C 84 -0.73 -6.43 6.55
N THR C 85 -0.99 -7.60 5.97
CA THR C 85 -0.26 -8.06 4.79
C THR C 85 -1.16 -8.13 3.56
N TYR C 86 -0.61 -7.73 2.42
CA TYR C 86 -1.30 -7.71 1.13
C TYR C 86 -0.38 -8.29 0.05
N GLN C 87 -0.92 -8.49 -1.15
CA GLN C 87 -0.14 -9.05 -2.25
C GLN C 87 -0.50 -8.36 -3.57
N PHE C 88 0.53 -7.88 -4.27
CA PHE C 88 0.38 -7.35 -5.61
C PHE C 88 0.24 -8.50 -6.61
N SER C 89 -0.52 -8.25 -7.68
CA SER C 89 -0.60 -9.22 -8.77
C SER C 89 0.68 -9.19 -9.60
N GLY C 90 0.92 -10.31 -10.32
CA GLY C 90 2.06 -10.35 -11.22
C GLY C 90 2.01 -9.28 -12.28
N GLU C 91 0.81 -8.93 -12.75
CA GLU C 91 0.68 -7.86 -13.72
C GLU C 91 1.21 -6.55 -13.15
N VAL C 92 0.75 -6.18 -11.95
CA VAL C 92 1.21 -4.96 -11.28
C VAL C 92 2.71 -5.00 -11.10
N LEU C 93 3.25 -6.15 -10.71
CA LEU C 93 4.69 -6.25 -10.46
C LEU C 93 5.48 -6.15 -11.76
N GLY C 94 4.97 -6.72 -12.85
CA GLY C 94 5.65 -6.61 -14.13
C GLY C 94 5.69 -5.19 -14.64
N ARG C 95 4.58 -4.46 -14.53
CA ARG C 95 4.52 -3.07 -14.95
C ARG C 95 5.21 -2.18 -13.92
#